data_1EOP
#
_entry.id   1EOP
#
_cell.length_a   66.1
_cell.length_b   66.1
_cell.length_c   299.1
_cell.angle_alpha   90
_cell.angle_beta   90
_cell.angle_gamma   90
#
_symmetry.space_group_name_H-M   'P 41 21 2'
#
loop_
_entity.id
_entity.type
_entity.pdbx_description
1 polymer "DNA (5'-D(*GP*AP*AP*GP*AP*TP*AP*TP*CP*TP*TP*C)-3')"
2 polymer 'TYPE II RESTRICTION ENZYME ECORV'
3 water water
#
loop_
_entity_poly.entity_id
_entity_poly.type
_entity_poly.pdbx_seq_one_letter_code
_entity_poly.pdbx_strand_id
1 'polydeoxyribonucleotide' (DG)(DA)(DA)(DG)(DA)(DT)(DA)(DT)(DC)(DT)(DT)(DA) C,D
2 'polypeptide(L)'
;MSLRSDLINALYDENQKYDVCGIISAEGKIYPLGSDTKVLSTIFELFSRPIINKIAEKHGYIVEEPKQQNHYPDFTLYKP
SEPNKKIAIDIKTTYTNKENEKIKFTLGGYTSFIRNNTKNIVYPFDQYIAHWIIGYVYTRVATRKSSLKTYNINELNEIP
KPYKGVKVFLQDKWVIAGDLAGSGNTTNIGSIHAHYKDFVEGKGIFDSEDEFLDYWRNYERTSQLRNDKYNNISEYRNWI
YRGRK
;
A,B
#
loop_
_chem_comp.id
_chem_comp.type
_chem_comp.name
_chem_comp.formula
DA DNA linking 2'-DEOXYADENOSINE-5'-MONOPHOSPHATE 'C10 H14 N5 O6 P'
DC DNA linking 2'-DEOXYCYTIDINE-5'-MONOPHOSPHATE 'C9 H14 N3 O7 P'
DG DNA linking 2'-DEOXYGUANOSINE-5'-MONOPHOSPHATE 'C10 H14 N5 O7 P'
DT DNA linking THYMIDINE-5'-MONOPHOSPHATE 'C10 H15 N2 O8 P'
#
# COMPACT_ATOMS: atom_id res chain seq x y z
N SER C 2 -10.52 -29.04 12.66
CA SER C 2 -11.53 -27.94 12.55
C SER C 2 -11.17 -27.14 11.32
N LEU C 3 -11.95 -26.12 10.97
CA LEU C 3 -11.60 -25.30 9.80
C LEU C 3 -10.25 -24.70 10.14
N ARG C 4 -10.14 -24.20 11.36
CA ARG C 4 -8.91 -23.59 11.83
C ARG C 4 -7.68 -24.52 11.84
N SER C 5 -7.80 -25.69 12.46
CA SER C 5 -6.67 -26.61 12.50
C SER C 5 -6.21 -26.89 11.07
N ASP C 6 -7.15 -26.90 10.14
CA ASP C 6 -6.86 -27.17 8.74
C ASP C 6 -6.11 -26.01 8.13
N LEU C 7 -6.68 -24.81 8.25
CA LEU C 7 -6.07 -23.61 7.70
C LEU C 7 -4.64 -23.42 8.21
N ILE C 8 -4.44 -23.29 9.52
CA ILE C 8 -3.09 -23.11 10.01
C ILE C 8 -2.14 -24.24 9.63
N ASN C 9 -2.69 -25.43 9.46
CA ASN C 9 -1.86 -26.56 9.07
C ASN C 9 -1.44 -26.45 7.61
N ALA C 10 -2.30 -25.86 6.77
CA ALA C 10 -2.02 -25.67 5.35
C ALA C 10 -1.10 -24.49 5.12
N LEU C 11 -1.30 -23.40 5.87
CA LEU C 11 -0.50 -22.18 5.76
C LEU C 11 0.93 -22.53 6.05
N TYR C 12 1.13 -23.26 7.14
CA TYR C 12 2.47 -23.67 7.53
C TYR C 12 3.19 -24.45 6.43
N ASP C 13 2.59 -25.52 5.95
CA ASP C 13 3.26 -26.31 4.92
C ASP C 13 3.66 -25.46 3.72
N GLU C 14 2.97 -24.34 3.54
CA GLU C 14 3.24 -23.46 2.42
C GLU C 14 3.64 -22.09 2.84
N VAL C 20 8.18 -17.45 -4.00
CA VAL C 20 7.82 -16.32 -4.85
C VAL C 20 9.02 -15.45 -5.21
N CYS C 21 9.28 -15.30 -6.51
CA CYS C 21 10.40 -14.51 -6.97
C CYS C 21 9.98 -13.27 -7.71
N GLY C 22 8.72 -13.23 -8.17
CA GLY C 22 8.24 -12.05 -8.87
C GLY C 22 6.90 -12.11 -9.60
N ILE C 23 6.65 -11.08 -10.43
CA ILE C 23 5.43 -10.97 -11.23
C ILE C 23 5.72 -11.41 -12.67
N ILE C 24 4.74 -12.10 -13.25
CA ILE C 24 4.87 -12.62 -14.58
C ILE C 24 3.80 -11.98 -15.47
N SER C 25 4.12 -11.81 -16.74
CA SER C 25 3.18 -11.22 -17.67
C SER C 25 2.70 -12.30 -18.59
N ALA C 26 1.63 -12.02 -19.34
CA ALA C 26 1.04 -12.96 -20.29
C ALA C 26 2.00 -13.38 -21.42
N GLU C 27 2.85 -12.45 -21.86
CA GLU C 27 3.84 -12.71 -22.92
C GLU C 27 4.95 -13.67 -22.47
N GLY C 28 5.31 -13.64 -21.19
CA GLY C 28 6.35 -14.52 -20.70
C GLY C 28 7.37 -13.89 -19.76
N LYS C 29 7.42 -12.56 -19.77
CA LYS C 29 8.36 -11.83 -18.92
C LYS C 29 8.01 -11.91 -17.42
N ILE C 30 9.05 -12.00 -16.58
CA ILE C 30 8.91 -12.07 -15.13
C ILE C 30 9.75 -10.94 -14.51
N TYR C 31 9.12 -9.95 -13.90
CA TYR C 31 9.85 -8.84 -13.28
C TYR C 31 10.07 -9.14 -11.78
N PRO C 32 11.27 -8.90 -11.26
CA PRO C 32 11.55 -9.16 -9.86
C PRO C 32 10.78 -8.27 -8.89
N LEU C 33 10.88 -8.59 -7.60
CA LEU C 33 10.20 -7.86 -6.53
C LEU C 33 11.01 -6.70 -5.89
N GLY C 34 10.32 -5.69 -5.38
CA GLY C 34 11.00 -4.59 -4.73
C GLY C 34 11.11 -4.90 -3.27
N SER C 35 11.90 -4.12 -2.52
CA SER C 35 12.07 -4.39 -1.10
C SER C 35 11.11 -3.68 -0.14
N ASP C 36 10.40 -2.67 -0.60
CA ASP C 36 9.46 -1.97 0.28
C ASP C 36 8.27 -2.84 0.71
N THR C 37 7.83 -2.64 1.96
CA THR C 37 6.71 -3.39 2.53
C THR C 37 5.44 -3.43 1.71
N LYS C 38 5.24 -2.43 0.86
CA LYS C 38 4.05 -2.37 0.03
C LYS C 38 4.07 -3.47 -1.05
N VAL C 39 5.25 -3.97 -1.36
CA VAL C 39 5.38 -5.02 -2.35
C VAL C 39 5.10 -6.36 -1.70
N LEU C 40 5.65 -6.56 -0.52
CA LEU C 40 5.50 -7.81 0.18
C LEU C 40 4.10 -8.05 0.67
N SER C 41 3.46 -7.03 1.24
CA SER C 41 2.08 -7.21 1.71
C SER C 41 1.27 -7.84 0.61
N THR C 42 1.37 -7.29 -0.60
CA THR C 42 0.62 -7.76 -1.75
C THR C 42 1.03 -9.16 -2.11
N ILE C 43 2.31 -9.44 -1.95
CA ILE C 43 2.80 -10.75 -2.31
C ILE C 43 2.20 -11.80 -1.41
N PHE C 44 2.14 -11.52 -0.11
CA PHE C 44 1.61 -12.46 0.88
C PHE C 44 0.10 -12.63 0.83
N GLU C 45 -0.62 -11.54 0.59
CA GLU C 45 -2.07 -11.55 0.48
C GLU C 45 -2.45 -12.46 -0.67
N LEU C 46 -1.79 -12.25 -1.80
CA LEU C 46 -2.08 -13.03 -2.99
C LEU C 46 -1.74 -14.49 -2.74
N PHE C 47 -0.60 -14.71 -2.10
CA PHE C 47 -0.12 -16.06 -1.80
C PHE C 47 -1.16 -16.82 -0.97
N SER C 48 -1.82 -16.09 -0.09
CA SER C 48 -2.81 -16.66 0.78
C SER C 48 -4.18 -16.90 0.18
N ARG C 49 -4.55 -16.13 -0.85
CA ARG C 49 -5.86 -16.26 -1.50
C ARG C 49 -6.27 -17.68 -1.93
N PRO C 50 -5.47 -18.36 -2.76
CA PRO C 50 -5.93 -19.71 -3.11
C PRO C 50 -5.80 -20.81 -2.05
N ILE C 51 -5.24 -20.51 -0.88
CA ILE C 51 -5.09 -21.49 0.19
C ILE C 51 -6.34 -21.41 1.07
N ILE C 52 -6.75 -20.19 1.39
CA ILE C 52 -7.94 -19.93 2.20
C ILE C 52 -9.19 -20.41 1.47
N ASN C 53 -9.19 -20.34 0.15
CA ASN C 53 -10.34 -20.79 -0.63
C ASN C 53 -10.43 -22.31 -0.77
N LYS C 54 -9.30 -22.99 -0.77
CA LYS C 54 -9.28 -24.42 -0.94
C LYS C 54 -9.74 -25.07 0.34
N ILE C 55 -9.28 -24.56 1.47
CA ILE C 55 -9.67 -25.13 2.75
C ILE C 55 -11.11 -24.83 3.07
N ALA C 56 -11.55 -23.61 2.81
CA ALA C 56 -12.93 -23.21 3.06
C ALA C 56 -13.90 -24.15 2.34
N GLU C 57 -13.63 -24.41 1.07
CA GLU C 57 -14.45 -25.33 0.27
C GLU C 57 -14.59 -26.60 1.08
N LYS C 58 -13.45 -27.26 1.33
CA LYS C 58 -13.36 -28.51 2.07
C LYS C 58 -14.33 -28.54 3.23
N HIS C 59 -14.46 -27.42 3.93
CA HIS C 59 -15.37 -27.33 5.07
C HIS C 59 -16.71 -26.68 4.72
N GLY C 60 -17.14 -26.91 3.49
CA GLY C 60 -18.39 -26.36 3.02
C GLY C 60 -18.62 -24.90 3.28
N TYR C 61 -17.54 -24.13 3.34
CA TYR C 61 -17.61 -22.68 3.57
C TYR C 61 -17.57 -21.91 2.28
N ILE C 62 -18.15 -20.72 2.32
CA ILE C 62 -18.20 -19.84 1.19
C ILE C 62 -17.17 -18.82 1.61
N VAL C 63 -16.44 -18.27 0.63
CA VAL C 63 -15.42 -17.26 0.86
C VAL C 63 -15.72 -16.04 0.02
N GLU C 64 -15.75 -14.88 0.66
CA GLU C 64 -16.06 -13.63 -0.02
C GLU C 64 -14.93 -12.68 0.22
N GLU C 65 -14.87 -11.64 -0.60
CA GLU C 65 -13.81 -10.63 -0.50
C GLU C 65 -14.48 -9.26 -0.59
N PRO C 66 -13.77 -8.20 -0.17
CA PRO C 66 -14.39 -6.89 -0.24
C PRO C 66 -14.83 -6.60 -1.64
N LYS C 67 -16.14 -6.40 -1.78
CA LYS C 67 -16.71 -6.05 -3.08
C LYS C 67 -16.37 -4.58 -3.22
N GLN C 68 -16.13 -3.92 -2.10
CA GLN C 68 -15.76 -2.50 -2.08
C GLN C 68 -14.40 -2.31 -1.42
N GLN C 69 -13.60 -1.41 -1.98
CA GLN C 69 -12.28 -1.12 -1.44
C GLN C 69 -12.36 -0.42 -0.09
N ASN C 70 -11.26 -0.44 0.67
CA ASN C 70 -11.23 0.20 1.98
C ASN C 70 -12.19 -0.47 2.96
N HIS C 71 -12.53 -1.73 2.72
CA HIS C 71 -13.42 -2.45 3.61
C HIS C 71 -12.73 -3.66 4.24
N TYR C 72 -12.91 -3.83 5.55
CA TYR C 72 -12.33 -4.95 6.26
C TYR C 72 -13.36 -6.08 6.13
N PRO C 73 -12.96 -7.37 6.12
CA PRO C 73 -11.61 -7.92 6.19
C PRO C 73 -11.27 -8.53 4.85
N ASP C 74 -10.01 -8.90 4.67
CA ASP C 74 -9.59 -9.51 3.41
C ASP C 74 -10.42 -10.69 2.98
N PHE C 75 -10.92 -11.46 3.94
CA PHE C 75 -11.75 -12.61 3.61
C PHE C 75 -12.88 -12.72 4.61
N THR C 76 -14.07 -13.01 4.11
CA THR C 76 -15.25 -13.21 4.97
C THR C 76 -15.61 -14.66 4.70
N LEU C 77 -15.79 -15.45 5.75
CA LEU C 77 -16.11 -16.86 5.60
C LEU C 77 -17.45 -17.22 6.25
N TYR C 78 -18.16 -18.16 5.65
CA TYR C 78 -19.42 -18.61 6.21
C TYR C 78 -20.03 -19.78 5.48
N LYS C 79 -20.73 -20.64 6.22
CA LYS C 79 -21.42 -21.79 5.65
C LYS C 79 -22.76 -21.22 5.19
N PRO C 80 -23.38 -21.82 4.18
CA PRO C 80 -24.66 -21.32 3.67
C PRO C 80 -25.71 -21.21 4.79
N SER C 81 -26.11 -22.36 5.31
CA SER C 81 -27.10 -22.52 6.37
C SER C 81 -27.17 -21.42 7.46
N GLU C 82 -26.09 -21.38 8.24
CA GLU C 82 -25.85 -20.47 9.35
C GLU C 82 -25.05 -19.27 8.86
N PRO C 83 -25.66 -18.40 8.04
CA PRO C 83 -24.94 -17.24 7.51
C PRO C 83 -24.70 -16.11 8.54
N ASN C 84 -25.34 -16.24 9.70
CA ASN C 84 -25.20 -15.24 10.74
C ASN C 84 -23.94 -15.52 11.54
N LYS C 85 -23.27 -16.61 11.24
CA LYS C 85 -22.08 -16.97 11.98
C LYS C 85 -20.93 -16.93 11.02
N LYS C 86 -20.43 -15.70 10.81
CA LYS C 86 -19.33 -15.46 9.88
C LYS C 86 -17.97 -15.31 10.56
N ILE C 87 -16.95 -15.91 9.94
CA ILE C 87 -15.58 -15.79 10.41
C ILE C 87 -14.87 -14.70 9.58
N ALA C 88 -13.99 -13.93 10.21
CA ALA C 88 -13.26 -12.86 9.53
C ALA C 88 -11.78 -13.18 9.57
N ILE C 89 -11.15 -13.20 8.40
CA ILE C 89 -9.72 -13.47 8.27
C ILE C 89 -9.04 -12.22 7.68
N ASP C 90 -7.84 -11.89 8.16
CA ASP C 90 -7.15 -10.71 7.69
C ASP C 90 -5.68 -11.04 7.62
N ILE C 91 -5.03 -10.72 6.51
CA ILE C 91 -3.61 -10.98 6.40
C ILE C 91 -2.87 -9.72 6.84
N LYS C 92 -1.83 -9.88 7.64
CA LYS C 92 -1.06 -8.73 8.14
C LYS C 92 0.38 -9.04 7.81
N THR C 93 1.24 -8.04 7.80
CA THR C 93 2.62 -8.33 7.42
C THR C 93 3.61 -7.42 8.06
N THR C 94 4.70 -7.99 8.54
CA THR C 94 5.74 -7.15 9.12
C THR C 94 7.07 -7.84 8.88
N TYR C 95 8.15 -7.08 9.04
CA TYR C 95 9.49 -7.58 8.79
C TYR C 95 10.24 -7.74 10.07
N THR C 96 11.53 -8.07 9.95
CA THR C 96 12.42 -8.26 11.09
C THR C 96 13.78 -8.14 10.42
N ASN C 97 14.72 -7.51 11.13
CA ASN C 97 16.05 -7.32 10.58
C ASN C 97 16.92 -8.51 10.83
N LYS C 98 16.84 -9.01 12.05
CA LYS C 98 17.58 -10.19 12.51
C LYS C 98 16.55 -11.01 13.30
N GLU C 99 16.56 -12.34 13.11
CA GLU C 99 15.61 -13.20 13.81
C GLU C 99 15.58 -12.93 15.29
N ASN C 100 14.72 -13.64 16.02
CA ASN C 100 14.57 -13.50 17.47
C ASN C 100 14.06 -12.11 17.96
N GLU C 101 14.34 -11.06 17.19
CA GLU C 101 13.91 -9.71 17.51
C GLU C 101 12.39 -9.65 17.77
N LYS C 102 11.96 -8.61 18.47
CA LYS C 102 10.55 -8.43 18.79
C LYS C 102 9.88 -7.80 17.59
N ILE C 103 8.64 -8.18 17.31
CA ILE C 103 7.91 -7.62 16.19
C ILE C 103 6.61 -7.14 16.72
N LYS C 104 5.89 -6.35 15.94
CA LYS C 104 4.57 -5.82 16.31
C LYS C 104 3.75 -5.70 15.06
N PHE C 105 2.42 -5.74 15.20
CA PHE C 105 1.54 -5.61 14.05
C PHE C 105 0.58 -4.46 14.25
N THR C 106 0.03 -3.94 13.16
CA THR C 106 -0.98 -2.89 13.25
C THR C 106 -2.19 -3.79 12.98
N LEU C 107 -3.21 -3.76 13.85
CA LEU C 107 -4.36 -4.68 13.73
C LEU C 107 -5.72 -4.14 13.36
N GLY C 108 -5.78 -2.92 12.84
CA GLY C 108 -7.05 -2.37 12.43
C GLY C 108 -7.44 -1.10 13.14
N GLY C 109 -8.28 -0.27 12.52
CA GLY C 109 -8.71 0.96 13.13
C GLY C 109 -9.66 0.78 14.29
N TYR C 110 -9.50 1.57 15.33
CA TYR C 110 -10.37 1.47 16.49
C TYR C 110 -11.54 2.41 16.39
N THR C 111 -11.61 3.17 15.29
CA THR C 111 -12.68 4.14 15.11
C THR C 111 -13.74 3.77 14.05
N SER C 112 -13.69 2.56 13.52
CA SER C 112 -14.66 2.16 12.51
C SER C 112 -15.62 1.01 12.88
N PHE C 113 -15.48 -0.16 12.27
CA PHE C 113 -16.37 -1.27 12.55
C PHE C 113 -16.36 -1.76 14.01
N ILE C 114 -15.62 -1.09 14.91
CA ILE C 114 -15.64 -1.51 16.31
C ILE C 114 -16.44 -0.51 17.14
N ARG C 115 -16.88 0.57 16.51
CA ARG C 115 -17.69 1.60 17.17
C ARG C 115 -18.94 1.88 16.34
N ASN C 116 -18.87 1.57 15.07
CA ASN C 116 -20.01 1.71 14.19
C ASN C 116 -20.05 0.31 13.62
N ASN C 117 -21.24 -0.25 13.53
CA ASN C 117 -21.43 -1.61 13.05
C ASN C 117 -21.34 -1.82 11.55
N THR C 118 -21.53 -0.76 10.78
CA THR C 118 -21.47 -0.84 9.32
C THR C 118 -20.24 -0.21 8.63
N LYS C 119 -19.73 0.85 9.23
CA LYS C 119 -18.59 1.61 8.71
C LYS C 119 -17.33 0.82 8.39
N ASN C 120 -16.91 0.86 7.13
CA ASN C 120 -15.69 0.21 6.66
C ASN C 120 -15.56 -1.31 6.82
N ILE C 121 -16.65 -2.04 6.75
CA ILE C 121 -16.58 -3.49 6.86
C ILE C 121 -17.63 -4.04 5.93
N VAL C 122 -17.45 -5.27 5.45
CA VAL C 122 -18.43 -5.87 4.55
C VAL C 122 -19.81 -6.08 5.20
N TYR C 123 -19.90 -7.05 6.10
CA TYR C 123 -21.16 -7.32 6.75
C TYR C 123 -21.10 -6.72 8.13
N PRO C 124 -22.24 -6.26 8.64
CA PRO C 124 -22.34 -5.66 9.97
C PRO C 124 -21.46 -6.41 11.00
N PHE C 125 -20.68 -5.64 11.76
CA PHE C 125 -19.76 -6.21 12.75
C PHE C 125 -20.37 -7.36 13.53
N ASP C 126 -21.67 -7.26 13.79
CA ASP C 126 -22.36 -8.27 14.56
C ASP C 126 -22.56 -9.64 13.92
N GLN C 127 -22.25 -9.80 12.63
CA GLN C 127 -22.44 -11.11 12.00
C GLN C 127 -21.17 -11.90 12.02
N TYR C 128 -20.13 -11.39 12.68
CA TYR C 128 -18.87 -12.12 12.68
C TYR C 128 -18.60 -12.67 14.05
N ILE C 129 -18.46 -13.98 14.15
CA ILE C 129 -18.17 -14.62 15.42
C ILE C 129 -16.68 -14.66 15.71
N ALA C 130 -15.85 -14.74 14.66
CA ALA C 130 -14.41 -14.82 14.86
C ALA C 130 -13.65 -13.82 14.01
N HIS C 131 -12.51 -13.37 14.54
CA HIS C 131 -11.63 -12.41 13.87
C HIS C 131 -10.20 -12.91 13.94
N TRP C 132 -9.77 -13.70 12.96
CA TRP C 132 -8.42 -14.25 12.94
C TRP C 132 -7.43 -13.31 12.27
N ILE C 133 -6.16 -13.54 12.51
CA ILE C 133 -5.10 -12.74 11.96
C ILE C 133 -4.06 -13.73 11.47
N ILE C 134 -3.85 -13.80 10.15
CA ILE C 134 -2.86 -14.69 9.59
C ILE C 134 -1.66 -13.77 9.48
N GLY C 135 -0.74 -13.91 10.41
CA GLY C 135 0.43 -13.04 10.43
C GLY C 135 1.65 -13.52 9.70
N TYR C 136 2.13 -12.72 8.78
CA TYR C 136 3.32 -13.08 8.04
C TYR C 136 4.44 -12.18 8.58
N VAL C 137 5.64 -12.75 8.68
CA VAL C 137 6.85 -12.07 9.16
C VAL C 137 7.97 -12.47 8.21
N TYR C 138 8.90 -11.58 7.94
CA TYR C 138 10.00 -11.91 7.03
C TYR C 138 11.19 -11.05 7.37
N THR C 139 12.39 -11.54 7.05
CA THR C 139 13.61 -10.78 7.30
C THR C 139 13.94 -9.99 6.06
N ARG C 140 14.27 -8.72 6.28
CA ARG C 140 14.60 -7.81 5.21
C ARG C 140 15.93 -8.15 4.53
N VAL C 141 15.99 -7.96 3.22
CA VAL C 141 17.20 -8.22 2.45
C VAL C 141 17.26 -7.17 1.33
N ALA C 142 18.35 -6.40 1.31
CA ALA C 142 18.57 -5.33 0.29
C ALA C 142 18.34 -5.76 -1.16
N THR C 143 17.63 -4.95 -1.92
CA THR C 143 17.33 -5.34 -3.30
C THR C 143 18.57 -5.50 -4.17
N ARG C 144 18.42 -6.32 -5.20
CA ARG C 144 19.50 -6.63 -6.13
C ARG C 144 19.43 -5.95 -7.52
N LYS C 145 20.63 -5.74 -8.08
CA LYS C 145 20.82 -5.17 -9.40
C LYS C 145 20.12 -6.09 -10.39
N SER C 146 20.26 -7.40 -10.14
CA SER C 146 19.62 -8.42 -10.96
C SER C 146 18.11 -8.41 -10.75
N SER C 147 17.68 -7.69 -9.71
CA SER C 147 16.27 -7.56 -9.37
C SER C 147 15.71 -6.49 -10.30
N LEU C 148 16.57 -5.94 -11.16
CA LEU C 148 16.16 -4.90 -12.09
C LEU C 148 16.06 -5.29 -13.57
N LYS C 149 16.45 -6.52 -13.88
CA LYS C 149 16.37 -7.02 -15.25
C LYS C 149 15.23 -8.01 -15.25
N THR C 150 14.61 -8.24 -16.38
CA THR C 150 13.55 -9.24 -16.42
C THR C 150 14.20 -10.63 -16.58
N TYR C 151 13.55 -11.67 -16.08
CA TYR C 151 14.10 -13.02 -16.23
C TYR C 151 13.16 -13.78 -17.11
N ASN C 152 13.48 -15.05 -17.37
CA ASN C 152 12.65 -15.84 -18.26
C ASN C 152 12.22 -17.08 -17.55
N ILE C 153 11.13 -17.70 -18.00
CA ILE C 153 10.60 -18.89 -17.35
C ILE C 153 11.68 -19.89 -16.88
N ASN C 154 12.72 -20.11 -17.66
CA ASN C 154 13.75 -21.06 -17.24
C ASN C 154 14.86 -20.48 -16.36
N GLU C 155 14.91 -19.16 -16.25
CA GLU C 155 15.92 -18.49 -15.43
C GLU C 155 15.42 -18.37 -13.99
N LEU C 156 14.17 -18.76 -13.76
CA LEU C 156 13.50 -18.71 -12.45
C LEU C 156 14.30 -18.97 -11.18
N ASN C 157 15.04 -20.08 -11.12
CA ASN C 157 15.81 -20.38 -9.91
C ASN C 157 16.97 -19.43 -9.66
N GLU C 158 17.10 -18.41 -10.50
CA GLU C 158 18.18 -17.44 -10.38
C GLU C 158 17.74 -16.04 -9.88
N ILE C 159 16.43 -15.78 -9.95
CA ILE C 159 15.88 -14.50 -9.53
C ILE C 159 15.98 -14.34 -8.02
N PRO C 160 16.70 -13.32 -7.55
CA PRO C 160 16.83 -13.10 -6.11
C PRO C 160 15.50 -12.51 -5.56
N LYS C 161 15.31 -12.60 -4.23
CA LYS C 161 14.11 -12.04 -3.62
C LYS C 161 14.53 -11.13 -2.47
N PRO C 162 13.69 -10.14 -2.12
CA PRO C 162 14.01 -9.22 -1.03
C PRO C 162 13.68 -9.75 0.39
N TYR C 163 13.55 -11.06 0.54
CA TYR C 163 13.26 -11.65 1.84
C TYR C 163 14.03 -12.98 2.03
N LYS C 164 14.41 -13.24 3.29
CA LYS C 164 15.13 -14.45 3.68
C LYS C 164 14.22 -15.54 4.24
N GLY C 165 14.05 -15.54 5.56
CA GLY C 165 13.23 -16.56 6.21
C GLY C 165 11.91 -16.09 6.75
N VAL C 166 10.86 -16.47 6.05
CA VAL C 166 9.50 -16.07 6.38
C VAL C 166 8.84 -17.05 7.35
N LYS C 167 8.41 -16.54 8.49
CA LYS C 167 7.73 -17.33 9.52
C LYS C 167 6.29 -16.83 9.56
N VAL C 168 5.32 -17.72 9.44
CA VAL C 168 3.91 -17.37 9.45
C VAL C 168 3.16 -17.99 10.63
N PHE C 169 2.24 -17.24 11.20
CA PHE C 169 1.42 -17.70 12.31
C PHE C 169 -0.05 -17.32 12.04
N LEU C 170 -0.98 -17.95 12.78
CA LEU C 170 -2.42 -17.68 12.67
C LEU C 170 -2.92 -17.58 14.11
N GLN C 171 -3.78 -16.61 14.41
CA GLN C 171 -4.26 -16.43 15.78
C GLN C 171 -5.43 -15.48 15.85
N ASP C 172 -6.26 -15.63 16.88
CA ASP C 172 -7.43 -14.75 17.10
C ASP C 172 -6.88 -13.36 17.31
N LYS C 173 -7.58 -12.35 16.80
CA LYS C 173 -7.11 -11.00 16.93
C LYS C 173 -6.86 -10.52 18.34
N TRP C 174 -7.87 -10.52 19.20
CA TRP C 174 -7.71 -10.02 20.56
C TRP C 174 -6.63 -10.68 21.41
N VAL C 175 -6.29 -11.91 21.09
CA VAL C 175 -5.29 -12.57 21.87
C VAL C 175 -3.98 -11.80 21.71
N ILE C 176 -3.65 -11.50 20.45
CA ILE C 176 -2.41 -10.81 20.13
C ILE C 176 -2.48 -9.28 20.13
N ALA C 177 -3.60 -8.72 20.53
CA ALA C 177 -3.77 -7.26 20.58
C ALA C 177 -3.17 -6.71 21.84
N GLY C 178 -2.75 -5.45 21.77
CA GLY C 178 -2.14 -4.84 22.93
C GLY C 178 -2.84 -3.57 23.34
N ASP C 179 -2.13 -2.76 24.09
CA ASP C 179 -2.68 -1.52 24.60
C ASP C 179 -2.03 -0.29 24.00
N LEU C 180 -1.01 -0.51 23.18
CA LEU C 180 -0.28 0.57 22.54
C LEU C 180 -0.78 0.73 21.11
N ALA C 181 -1.03 1.97 20.72
CA ALA C 181 -1.51 2.28 19.37
C ALA C 181 -0.52 1.84 18.30
N GLY C 182 -1.03 1.24 17.22
CA GLY C 182 -0.18 0.78 16.13
C GLY C 182 0.22 1.90 15.17
N SER C 183 -0.64 2.91 14.98
CA SER C 183 -0.35 4.04 14.11
C SER C 183 -0.91 5.29 14.73
N GLY C 184 -0.25 6.42 14.50
CA GLY C 184 -0.72 7.66 15.06
C GLY C 184 -1.82 8.40 14.32
N ASN C 185 -1.55 8.83 13.09
CA ASN C 185 -2.55 9.60 12.35
C ASN C 185 -3.75 8.83 11.82
N THR C 186 -3.53 7.60 11.39
CA THR C 186 -4.62 6.79 10.87
C THR C 186 -5.21 5.87 11.95
N THR C 187 -4.96 6.26 13.21
CA THR C 187 -5.45 5.55 14.39
C THR C 187 -5.62 4.05 14.24
N ASN C 188 -4.59 3.26 14.51
CA ASN C 188 -4.71 1.82 14.38
C ASN C 188 -4.45 1.13 15.72
N ILE C 189 -5.11 0.01 15.95
CA ILE C 189 -4.93 -0.79 17.15
C ILE C 189 -3.56 -1.47 17.02
N GLY C 190 -2.78 -1.54 18.08
CA GLY C 190 -1.47 -2.16 18.00
C GLY C 190 -1.40 -3.49 18.70
N SER C 191 -0.68 -4.42 18.10
CA SER C 191 -0.51 -5.73 18.67
C SER C 191 0.54 -5.67 19.75
N ILE C 192 0.78 -6.79 20.39
CA ILE C 192 1.76 -6.85 21.45
C ILE C 192 3.10 -6.76 20.77
N HIS C 193 4.09 -6.17 21.43
CA HIS C 193 5.44 -6.07 20.87
C HIS C 193 6.20 -7.20 21.54
N ALA C 194 6.05 -8.40 21.02
CA ALA C 194 6.73 -9.56 21.56
C ALA C 194 7.38 -10.33 20.44
N HIS C 195 7.95 -11.49 20.78
CA HIS C 195 8.61 -12.36 19.82
C HIS C 195 7.57 -13.09 19.04
N TYR C 196 8.01 -13.74 17.97
CA TYR C 196 7.12 -14.49 17.10
C TYR C 196 6.30 -15.56 17.83
N LYS C 197 6.95 -16.44 18.59
CA LYS C 197 6.19 -17.49 19.25
C LYS C 197 5.28 -17.05 20.35
N ASP C 198 5.31 -15.76 20.71
CA ASP C 198 4.41 -15.26 21.73
C ASP C 198 3.07 -15.09 21.05
N PHE C 199 3.08 -14.72 19.78
CA PHE C 199 1.84 -14.56 19.00
C PHE C 199 1.39 -16.01 18.72
N VAL C 200 2.34 -16.91 18.51
CA VAL C 200 2.03 -18.29 18.20
C VAL C 200 1.51 -19.05 19.42
N GLU C 201 1.91 -18.63 20.62
CA GLU C 201 1.46 -19.25 21.87
C GLU C 201 0.34 -18.43 22.47
N GLY C 202 -0.07 -17.39 21.76
CA GLY C 202 -1.14 -16.53 22.20
C GLY C 202 -0.91 -15.88 23.55
N LYS C 203 0.33 -15.49 23.82
CA LYS C 203 0.67 -14.83 25.10
C LYS C 203 0.29 -13.36 25.00
N GLY C 204 -0.99 -13.06 25.15
CA GLY C 204 -1.44 -11.70 25.05
C GLY C 204 -1.49 -11.00 26.37
N ILE C 205 -2.30 -9.93 26.47
CA ILE C 205 -2.45 -9.16 27.69
C ILE C 205 -3.91 -8.95 28.09
N PHE C 206 -4.83 -9.02 27.14
CA PHE C 206 -6.25 -8.84 27.44
C PHE C 206 -6.84 -10.15 27.93
N ASP C 207 -7.78 -10.05 28.85
CA ASP C 207 -8.39 -11.23 29.43
C ASP C 207 -9.49 -11.91 28.64
N SER C 208 -10.32 -11.13 27.94
CA SER C 208 -11.41 -11.69 27.15
C SER C 208 -11.65 -10.93 25.86
N GLU C 209 -12.49 -11.45 24.97
CA GLU C 209 -12.74 -10.74 23.72
C GLU C 209 -13.33 -9.41 24.08
N ASP C 210 -14.26 -9.45 25.02
CA ASP C 210 -14.95 -8.25 25.46
C ASP C 210 -14.08 -7.20 26.19
N GLU C 211 -12.99 -7.63 26.83
CA GLU C 211 -12.08 -6.69 27.50
C GLU C 211 -11.31 -5.97 26.41
N PHE C 212 -10.96 -6.72 25.37
CA PHE C 212 -10.24 -6.21 24.24
C PHE C 212 -11.08 -5.11 23.60
N LEU C 213 -12.34 -5.39 23.33
CA LEU C 213 -13.18 -4.37 22.74
C LEU C 213 -13.46 -3.24 23.71
N ASP C 214 -13.51 -3.52 25.00
CA ASP C 214 -13.82 -2.45 25.94
C ASP C 214 -12.69 -1.45 25.98
N TYR C 215 -11.47 -1.95 25.92
CA TYR C 215 -10.31 -1.08 25.98
C TYR C 215 -10.22 -0.21 24.74
N TRP C 216 -10.23 -0.84 23.57
CA TRP C 216 -10.12 -0.08 22.32
C TRP C 216 -11.28 0.81 21.97
N ARG C 217 -12.50 0.39 22.33
CA ARG C 217 -13.71 1.17 22.06
C ARG C 217 -13.77 2.42 22.93
N ASN C 218 -13.00 2.39 24.02
CA ASN C 218 -12.96 3.48 24.98
C ASN C 218 -11.68 4.30 24.82
N TYR C 219 -10.85 3.94 23.85
CA TYR C 219 -9.58 4.61 23.62
C TYR C 219 -9.74 6.00 22.99
N GLU C 220 -9.18 7.00 23.64
CA GLU C 220 -9.24 8.38 23.14
C GLU C 220 -8.13 8.73 22.16
N ARG C 221 -8.49 9.42 21.07
CA ARG C 221 -7.51 9.83 20.06
C ARG C 221 -6.43 10.76 20.63
N THR C 222 -6.83 11.94 21.10
CA THR C 222 -5.89 12.94 21.64
C THR C 222 -5.18 12.55 22.96
N SER C 223 -3.89 12.18 22.86
CA SER C 223 -3.04 11.81 24.02
C SER C 223 -3.29 12.65 25.27
N GLN C 224 -3.73 13.90 25.09
CA GLN C 224 -4.05 14.74 26.23
C GLN C 224 -5.24 14.06 26.91
N LEU C 225 -6.35 13.93 26.17
CA LEU C 225 -7.54 13.30 26.69
C LEU C 225 -7.23 11.89 27.19
N ARG C 226 -6.22 11.28 26.61
CA ARG C 226 -5.85 9.94 27.01
C ARG C 226 -5.02 9.95 28.29
N ASN C 227 -4.28 11.03 28.53
CA ASN C 227 -3.43 11.20 29.71
C ASN C 227 -4.20 11.03 30.98
N ASP C 228 -5.34 11.69 31.04
CA ASP C 228 -6.21 11.62 32.19
C ASP C 228 -7.41 10.68 32.00
N LYS C 229 -7.23 9.67 31.13
CA LYS C 229 -8.27 8.69 30.88
C LYS C 229 -7.61 7.38 31.24
N TYR C 230 -6.57 7.04 30.48
CA TYR C 230 -5.77 5.84 30.67
C TYR C 230 -4.93 5.55 29.44
N ASN C 231 -3.60 5.48 29.63
CA ASN C 231 -2.69 5.22 28.53
C ASN C 231 -2.34 3.75 28.32
N ASN C 232 -2.62 2.91 29.29
CA ASN C 232 -2.28 1.51 29.09
C ASN C 232 -3.14 0.57 29.90
N ILE C 233 -2.92 -0.73 29.71
CA ILE C 233 -3.65 -1.78 30.41
C ILE C 233 -3.65 -1.47 31.93
N SER C 234 -2.49 -1.29 32.51
CA SER C 234 -2.39 -0.99 33.93
C SER C 234 -3.36 0.11 34.25
N GLU C 235 -3.10 1.29 33.71
CA GLU C 235 -3.90 2.49 33.92
C GLU C 235 -5.34 2.35 33.54
N TYR C 236 -5.68 1.29 32.81
CA TYR C 236 -7.04 1.02 32.36
C TYR C 236 -7.88 0.40 33.45
N ARG C 237 -7.38 -0.73 33.95
CA ARG C 237 -8.04 -1.46 35.00
C ARG C 237 -8.26 -0.56 36.21
N ASN C 238 -7.32 0.33 36.49
CA ASN C 238 -7.50 1.27 37.60
C ASN C 238 -8.78 2.03 37.27
N TRP C 239 -8.82 2.64 36.09
CA TRP C 239 -9.99 3.38 35.62
C TRP C 239 -11.27 2.56 35.94
N ILE C 240 -11.17 1.26 35.68
CA ILE C 240 -12.27 0.34 35.94
C ILE C 240 -12.69 0.36 37.40
N TYR C 241 -11.70 0.23 38.28
CA TYR C 241 -11.91 0.19 39.74
C TYR C 241 -12.29 1.52 40.36
N ARG C 242 -12.34 2.57 39.54
CA ARG C 242 -12.68 3.88 40.03
C ARG C 242 -14.12 4.23 39.67
N GLY C 243 -14.61 3.66 38.59
CA GLY C 243 -15.96 3.95 38.19
C GLY C 243 -16.13 4.47 36.78
N ARG C 244 -15.01 4.67 36.08
CA ARG C 244 -15.03 5.14 34.69
C ARG C 244 -15.64 6.54 34.55
N SER D 2 14.96 11.91 -26.32
CA SER D 2 15.82 12.13 -25.13
C SER D 2 15.45 11.12 -24.06
N LEU D 3 16.09 11.21 -22.90
CA LEU D 3 15.80 10.29 -21.81
C LEU D 3 14.29 10.25 -21.61
N ARG D 4 13.68 11.43 -21.50
CA ARG D 4 12.26 11.56 -21.29
C ARG D 4 11.39 10.94 -22.37
N SER D 5 11.59 11.34 -23.63
CA SER D 5 10.78 10.82 -24.72
C SER D 5 10.99 9.34 -24.90
N ASP D 6 12.16 8.88 -24.48
CA ASP D 6 12.51 7.47 -24.57
C ASP D 6 11.70 6.77 -23.54
N LEU D 7 11.79 7.23 -22.30
CA LEU D 7 11.04 6.60 -21.22
C LEU D 7 9.59 6.45 -21.57
N ILE D 8 8.97 7.56 -22.00
CA ILE D 8 7.56 7.58 -22.38
C ILE D 8 7.26 6.54 -23.46
N ASN D 9 7.95 6.64 -24.58
CA ASN D 9 7.78 5.72 -25.69
C ASN D 9 8.01 4.27 -25.30
N ALA D 10 8.85 4.03 -24.31
CA ALA D 10 9.13 2.67 -23.83
C ALA D 10 7.96 2.19 -22.96
N LEU D 11 7.50 3.07 -22.07
CA LEU D 11 6.37 2.75 -21.20
C LEU D 11 5.12 2.47 -22.02
N TYR D 12 5.04 3.02 -23.21
CA TYR D 12 3.89 2.79 -24.06
C TYR D 12 3.99 1.40 -24.67
N ASP D 13 4.98 1.21 -25.53
CA ASP D 13 5.17 -0.04 -26.25
C ASP D 13 5.29 -1.30 -25.41
N GLU D 14 5.90 -1.17 -24.24
CA GLU D 14 6.10 -2.32 -23.34
C GLU D 14 4.83 -2.65 -22.56
N ASN D 15 4.10 -1.61 -22.22
CA ASN D 15 2.89 -1.75 -21.45
C ASN D 15 1.70 -2.05 -22.37
N GLN D 16 1.87 -1.78 -23.66
CA GLN D 16 0.80 -2.00 -24.62
C GLN D 16 0.75 -3.44 -25.11
N LYS D 17 1.82 -4.19 -24.88
CA LYS D 17 1.88 -5.57 -25.34
C LYS D 17 1.92 -6.64 -24.22
N TYR D 18 2.46 -6.29 -23.04
CA TYR D 18 2.53 -7.23 -21.92
C TYR D 18 1.46 -6.91 -20.88
N ASP D 19 0.87 -7.96 -20.31
CA ASP D 19 -0.14 -7.81 -19.28
C ASP D 19 0.35 -8.65 -18.12
N VAL D 20 0.36 -8.10 -16.92
CA VAL D 20 0.79 -8.86 -15.77
C VAL D 20 -0.48 -9.60 -15.33
N CYS D 21 -0.42 -10.92 -15.18
CA CYS D 21 -1.60 -11.65 -14.77
C CYS D 21 -1.42 -12.42 -13.50
N GLY D 22 -0.31 -12.19 -12.79
CA GLY D 22 -0.09 -12.91 -11.55
C GLY D 22 1.34 -12.95 -11.05
N ILE D 23 1.51 -13.48 -9.85
CA ILE D 23 2.82 -13.63 -9.20
C ILE D 23 3.25 -15.09 -9.41
N ILE D 24 4.56 -15.32 -9.46
CA ILE D 24 5.04 -16.66 -9.67
C ILE D 24 6.07 -17.08 -8.61
N SER D 25 6.02 -18.38 -8.30
CA SER D 25 6.90 -19.01 -7.33
C SER D 25 8.11 -19.61 -8.05
N ALA D 26 9.25 -19.70 -7.35
CA ALA D 26 10.46 -20.26 -7.95
C ALA D 26 10.25 -21.68 -8.45
N GLU D 27 9.23 -22.35 -7.96
CA GLU D 27 8.95 -23.72 -8.37
C GLU D 27 7.95 -23.88 -9.52
N GLY D 28 7.25 -22.83 -9.90
CA GLY D 28 6.32 -22.97 -11.01
C GLY D 28 4.92 -22.45 -10.85
N LYS D 29 4.38 -22.52 -9.64
CA LYS D 29 3.03 -22.06 -9.37
C LYS D 29 2.79 -20.57 -9.57
N ILE D 30 1.64 -20.25 -10.15
CA ILE D 30 1.22 -18.89 -10.45
C ILE D 30 -0.04 -18.54 -9.66
N TYR D 31 -0.01 -17.44 -8.92
CA TYR D 31 -1.18 -17.02 -8.15
C TYR D 31 -1.82 -15.75 -8.74
N PRO D 32 -3.11 -15.83 -9.12
CA PRO D 32 -3.83 -14.69 -9.71
C PRO D 32 -3.80 -13.44 -8.87
N LEU D 33 -4.28 -12.31 -9.42
CA LEU D 33 -4.27 -11.02 -8.74
C LEU D 33 -5.64 -10.64 -8.18
N GLY D 34 -5.67 -9.60 -7.35
CA GLY D 34 -6.92 -9.16 -6.77
C GLY D 34 -7.38 -7.91 -7.48
N SER D 35 -8.64 -7.51 -7.32
CA SER D 35 -9.17 -6.33 -8.00
C SER D 35 -9.07 -5.03 -7.22
N ASP D 36 -8.24 -4.99 -6.20
CA ASP D 36 -8.15 -3.76 -5.43
C ASP D 36 -6.87 -3.00 -5.57
N THR D 37 -7.04 -1.72 -5.90
CA THR D 37 -5.95 -0.77 -6.08
C THR D 37 -4.61 -1.06 -5.44
N LYS D 38 -4.55 -1.36 -4.14
CA LYS D 38 -3.24 -1.63 -3.54
C LYS D 38 -2.54 -2.73 -4.30
N VAL D 39 -3.24 -3.84 -4.53
CA VAL D 39 -2.68 -4.94 -5.29
C VAL D 39 -2.20 -4.39 -6.65
N LEU D 40 -3.08 -3.70 -7.34
CA LEU D 40 -2.77 -3.16 -8.64
C LEU D 40 -1.62 -2.15 -8.68
N SER D 41 -1.59 -1.28 -7.70
CA SER D 41 -0.57 -0.25 -7.64
C SER D 41 0.83 -0.76 -7.38
N THR D 42 0.96 -2.00 -6.96
CA THR D 42 2.29 -2.58 -6.68
C THR D 42 2.78 -3.16 -7.99
N ILE D 43 1.85 -3.72 -8.75
CA ILE D 43 2.16 -4.33 -10.02
C ILE D 43 2.84 -3.32 -10.95
N PHE D 44 2.14 -2.23 -11.25
CA PHE D 44 2.65 -1.18 -12.14
C PHE D 44 3.95 -0.56 -11.64
N GLU D 45 4.29 -0.86 -10.40
CA GLU D 45 5.47 -0.35 -9.74
C GLU D 45 6.67 -1.25 -10.01
N LEU D 46 6.45 -2.55 -9.88
CA LEU D 46 7.51 -3.50 -10.10
C LEU D 46 7.65 -3.68 -11.59
N PHE D 47 6.60 -3.31 -12.31
CA PHE D 47 6.56 -3.43 -13.76
C PHE D 47 7.46 -2.42 -14.48
N SER D 48 7.39 -1.15 -14.08
CA SER D 48 8.16 -0.04 -14.66
C SER D 48 9.66 -0.08 -14.35
N ARG D 49 10.00 -0.57 -13.16
CA ARG D 49 11.39 -0.62 -12.73
C ARG D 49 12.36 -1.09 -13.82
N PRO D 50 12.07 -2.22 -14.48
CA PRO D 50 12.95 -2.71 -15.53
C PRO D 50 13.09 -1.75 -16.73
N ILE D 51 12.01 -1.06 -17.08
CA ILE D 51 12.07 -0.13 -18.20
C ILE D 51 12.89 1.11 -17.84
N ILE D 52 12.56 1.72 -16.72
CA ILE D 52 13.27 2.91 -16.25
C ILE D 52 14.75 2.61 -16.16
N ASN D 53 15.09 1.33 -16.01
CA ASN D 53 16.46 0.87 -15.92
C ASN D 53 17.05 0.60 -17.29
N LYS D 54 16.22 0.21 -18.26
CA LYS D 54 16.68 -0.02 -19.61
C LYS D 54 17.12 1.34 -20.18
N ILE D 55 16.17 2.26 -20.26
CA ILE D 55 16.43 3.56 -20.80
C ILE D 55 17.44 4.41 -20.04
N ALA D 56 17.38 4.42 -18.72
CA ALA D 56 18.33 5.23 -17.97
C ALA D 56 19.75 4.81 -18.36
N GLU D 57 19.98 3.50 -18.51
CA GLU D 57 21.29 2.95 -18.87
C GLU D 57 21.73 3.42 -20.27
N LYS D 58 20.77 3.49 -21.17
CA LYS D 58 20.99 3.93 -22.54
C LYS D 58 21.50 5.39 -22.61
N HIS D 59 21.20 6.17 -21.59
CA HIS D 59 21.64 7.55 -21.54
C HIS D 59 22.67 7.69 -20.46
N GLY D 60 23.23 6.57 -20.06
CA GLY D 60 24.27 6.63 -19.05
C GLY D 60 23.88 7.24 -17.74
N TYR D 61 22.65 6.99 -17.30
CA TYR D 61 22.15 7.48 -16.01
C TYR D 61 22.18 6.39 -14.95
N ILE D 62 22.58 6.75 -13.73
CA ILE D 62 22.59 5.79 -12.64
C ILE D 62 21.17 5.82 -12.04
N VAL D 63 20.70 4.66 -11.59
CA VAL D 63 19.37 4.53 -11.00
C VAL D 63 19.54 4.12 -9.55
N GLU D 64 18.65 4.59 -8.70
CA GLU D 64 18.73 4.20 -7.30
C GLU D 64 17.34 4.21 -6.71
N GLU D 65 17.01 3.14 -6.00
CA GLU D 65 15.74 3.01 -5.33
C GLU D 65 16.02 3.47 -3.90
N PRO D 66 14.98 3.75 -3.10
CA PRO D 66 15.27 4.20 -1.73
C PRO D 66 15.96 3.16 -0.87
N LYS D 67 16.59 3.63 0.21
CA LYS D 67 17.25 2.75 1.18
C LYS D 67 16.24 2.37 2.31
N GLN D 68 15.48 3.35 2.83
CA GLN D 68 14.45 3.07 3.87
C GLN D 68 13.09 2.75 3.23
N GLN D 69 12.24 2.06 3.99
CA GLN D 69 10.91 1.64 3.52
C GLN D 69 9.89 2.73 3.22
N ASN D 70 10.24 4.00 3.40
CA ASN D 70 9.30 5.08 3.13
C ASN D 70 9.99 6.39 2.78
N HIS D 71 10.76 6.36 1.70
CA HIS D 71 11.48 7.53 1.24
C HIS D 71 11.13 7.73 -0.22
N TYR D 72 10.98 9.01 -0.60
CA TYR D 72 10.64 9.47 -1.95
C TYR D 72 11.95 9.81 -2.64
N PRO D 73 12.04 9.60 -3.94
CA PRO D 73 11.07 9.07 -4.90
C PRO D 73 11.40 7.62 -5.10
N ASP D 74 10.62 6.96 -5.94
CA ASP D 74 10.86 5.56 -6.17
C ASP D 74 12.16 5.34 -6.88
N PHE D 75 12.68 6.35 -7.57
CA PHE D 75 13.94 6.23 -8.30
C PHE D 75 14.68 7.57 -8.38
N THR D 76 16.00 7.51 -8.23
CA THR D 76 16.85 8.69 -8.31
C THR D 76 17.84 8.50 -9.47
N LEU D 77 17.66 9.27 -10.54
CA LEU D 77 18.53 9.21 -11.71
C LEU D 77 19.56 10.34 -11.66
N TYR D 78 20.71 10.13 -12.30
CA TYR D 78 21.78 11.13 -12.37
C TYR D 78 22.97 10.62 -13.17
N LYS D 79 23.88 11.55 -13.43
CA LYS D 79 25.12 11.29 -14.14
C LYS D 79 26.20 11.60 -13.09
N PRO D 80 27.23 10.75 -12.97
CA PRO D 80 28.28 11.03 -11.97
C PRO D 80 29.01 12.32 -12.34
N SER D 81 28.84 12.73 -13.58
CA SER D 81 29.42 13.94 -14.08
C SER D 81 28.66 15.18 -13.50
N GLU D 82 27.43 14.97 -13.00
CA GLU D 82 26.55 16.04 -12.44
C GLU D 82 25.74 15.60 -11.19
N PRO D 83 26.44 15.30 -10.09
CA PRO D 83 25.84 14.88 -8.83
C PRO D 83 24.69 15.71 -8.31
N ASN D 84 24.95 16.95 -7.95
CA ASN D 84 23.87 17.80 -7.45
C ASN D 84 22.81 18.15 -8.51
N LYS D 85 22.55 17.20 -9.41
CA LYS D 85 21.55 17.34 -10.46
C LYS D 85 20.99 15.93 -10.66
N LYS D 86 19.90 15.66 -9.95
CA LYS D 86 19.28 14.37 -10.03
C LYS D 86 17.87 14.55 -10.57
N ILE D 87 17.32 13.49 -11.13
CA ILE D 87 15.96 13.50 -11.66
C ILE D 87 15.16 12.56 -10.75
N ALA D 88 13.98 13.01 -10.30
CA ALA D 88 13.15 12.18 -9.42
C ALA D 88 11.95 11.60 -10.16
N ILE D 89 11.84 10.27 -10.18
CA ILE D 89 10.72 9.62 -10.87
C ILE D 89 9.84 8.97 -9.82
N ASP D 90 8.52 9.07 -9.98
CA ASP D 90 7.56 8.49 -9.02
C ASP D 90 6.34 7.94 -9.73
N ILE D 91 5.99 6.70 -9.51
CA ILE D 91 4.83 6.12 -10.17
C ILE D 91 3.57 6.30 -9.31
N LYS D 92 2.50 6.76 -9.92
CA LYS D 92 1.26 6.96 -9.21
C LYS D 92 0.22 6.13 -9.92
N THR D 93 -0.88 5.77 -9.25
CA THR D 93 -1.92 4.98 -9.87
C THR D 93 -3.26 5.55 -9.51
N THR D 94 -4.28 5.22 -10.31
CA THR D 94 -5.66 5.66 -10.08
C THR D 94 -6.50 4.69 -10.87
N TYR D 95 -7.84 4.83 -10.84
CA TYR D 95 -8.76 3.92 -11.55
C TYR D 95 -9.98 4.69 -12.04
N THR D 96 -10.75 4.08 -12.94
CA THR D 96 -11.99 4.67 -13.47
C THR D 96 -12.98 3.56 -13.73
N ASN D 97 -14.26 3.88 -13.65
CA ASN D 97 -15.32 2.90 -13.88
C ASN D 97 -15.60 2.93 -15.36
N LYS D 98 -16.02 4.11 -15.82
CA LYS D 98 -16.35 4.34 -17.22
C LYS D 98 -15.03 4.72 -17.85
N GLU D 99 -14.90 4.51 -19.15
CA GLU D 99 -13.65 4.84 -19.83
C GLU D 99 -13.32 6.33 -19.85
N ASN D 100 -14.28 7.15 -20.24
CA ASN D 100 -14.03 8.58 -20.36
C ASN D 100 -14.34 9.49 -19.16
N GLU D 101 -13.77 9.16 -18.01
CA GLU D 101 -13.98 9.96 -16.82
C GLU D 101 -12.85 10.94 -16.62
N LYS D 102 -12.93 11.73 -15.55
CA LYS D 102 -11.86 12.64 -15.20
C LYS D 102 -11.14 11.82 -14.14
N ILE D 103 -9.85 12.06 -13.90
CA ILE D 103 -9.14 11.29 -12.90
C ILE D 103 -8.51 12.25 -11.93
N LYS D 104 -7.69 11.75 -11.02
CA LYS D 104 -6.97 12.58 -10.04
C LYS D 104 -6.01 11.70 -9.25
N PHE D 105 -4.77 12.18 -9.07
CA PHE D 105 -3.79 11.39 -8.36
C PHE D 105 -3.44 12.12 -7.08
N THR D 106 -2.81 11.42 -6.14
CA THR D 106 -2.40 12.02 -4.89
C THR D 106 -0.90 12.17 -5.11
N LEU D 107 -0.44 13.40 -5.23
CA LEU D 107 0.96 13.68 -5.53
C LEU D 107 1.92 13.80 -4.36
N GLY D 108 1.86 12.89 -3.40
CA GLY D 108 2.79 12.97 -2.26
C GLY D 108 2.44 13.99 -1.19
N GLY D 109 3.20 14.04 -0.11
CA GLY D 109 2.90 14.95 0.98
C GLY D 109 3.39 16.36 0.77
N TYR D 110 2.77 17.32 1.47
CA TYR D 110 3.16 18.71 1.33
C TYR D 110 3.84 19.28 2.55
N THR D 111 4.03 18.45 3.57
CA THR D 111 4.67 18.92 4.80
C THR D 111 5.94 18.15 5.12
N SER D 112 6.35 17.26 4.23
CA SER D 112 7.56 16.50 4.45
C SER D 112 8.79 17.12 3.77
N PHE D 113 9.17 16.61 2.60
CA PHE D 113 10.34 17.10 1.89
C PHE D 113 10.19 18.38 1.09
N ILE D 114 8.98 18.73 0.66
CA ILE D 114 8.85 19.94 -0.10
C ILE D 114 8.79 21.08 0.89
N ARG D 115 8.83 20.75 2.17
CA ARG D 115 8.81 21.75 3.21
C ARG D 115 10.09 21.67 4.02
N ASN D 116 10.63 20.45 4.18
CA ASN D 116 11.90 20.23 4.89
C ASN D 116 12.90 19.52 3.97
N ASN D 117 14.08 20.11 3.80
CA ASN D 117 15.09 19.58 2.89
C ASN D 117 15.43 18.12 2.86
N THR D 118 15.73 17.53 4.00
CA THR D 118 16.15 16.13 4.04
C THR D 118 15.16 15.15 4.69
N LYS D 119 13.91 15.54 4.84
CA LYS D 119 12.90 14.68 5.45
C LYS D 119 12.20 13.82 4.40
N ASN D 120 12.25 12.51 4.60
CA ASN D 120 11.63 11.54 3.71
C ASN D 120 12.01 11.52 2.26
N ILE D 121 13.22 11.91 1.92
CA ILE D 121 13.65 11.88 0.52
C ILE D 121 15.04 11.24 0.42
N VAL D 122 15.34 10.53 -0.66
CA VAL D 122 16.62 9.87 -0.82
C VAL D 122 17.83 10.81 -0.66
N TYR D 123 17.85 11.93 -1.38
CA TYR D 123 18.96 12.89 -1.25
C TYR D 123 18.27 14.23 -1.07
N PRO D 124 18.93 15.19 -0.41
CA PRO D 124 18.32 16.50 -0.17
C PRO D 124 17.49 16.98 -1.35
N PHE D 125 16.33 17.56 -1.03
CA PHE D 125 15.41 18.02 -2.05
C PHE D 125 16.10 18.88 -3.11
N ASP D 126 16.88 19.84 -2.63
CA ASP D 126 17.63 20.79 -3.46
C ASP D 126 18.65 20.19 -4.39
N GLN D 127 18.79 18.86 -4.38
CA GLN D 127 19.75 18.20 -5.27
C GLN D 127 19.04 17.68 -6.52
N TYR D 128 17.73 17.91 -6.60
CA TYR D 128 16.94 17.48 -7.75
C TYR D 128 16.57 18.61 -8.70
N ILE D 129 16.57 18.31 -9.99
CA ILE D 129 16.22 19.29 -11.00
C ILE D 129 14.81 18.99 -11.47
N ALA D 130 14.56 17.72 -11.74
CA ALA D 130 13.24 17.28 -12.19
C ALA D 130 12.57 16.40 -11.19
N HIS D 131 11.25 16.39 -11.30
CA HIS D 131 10.38 15.59 -10.44
C HIS D 131 9.25 15.06 -11.33
N TRP D 132 9.44 13.89 -11.91
CA TRP D 132 8.42 13.36 -12.78
C TRP D 132 7.47 12.44 -12.06
N ILE D 133 6.33 12.19 -12.71
CA ILE D 133 5.29 11.34 -12.24
C ILE D 133 5.01 10.45 -13.43
N ILE D 134 4.79 9.16 -13.20
CA ILE D 134 4.49 8.21 -14.29
C ILE D 134 3.14 7.69 -13.86
N GLY D 135 2.09 8.23 -14.45
CA GLY D 135 0.77 7.86 -14.05
C GLY D 135 0.19 6.64 -14.72
N TYR D 136 -0.42 5.78 -13.92
CA TYR D 136 -1.05 4.61 -14.48
C TYR D 136 -2.53 4.69 -14.11
N VAL D 137 -3.39 4.75 -15.12
CA VAL D 137 -4.82 4.79 -14.95
C VAL D 137 -5.23 3.44 -15.48
N TYR D 138 -5.99 2.67 -14.72
CA TYR D 138 -6.42 1.37 -15.17
C TYR D 138 -7.93 1.34 -15.06
N THR D 139 -8.57 0.31 -15.58
CA THR D 139 -10.03 0.24 -15.53
C THR D 139 -10.53 -1.03 -14.82
N ARG D 140 -11.21 -0.85 -13.69
CA ARG D 140 -11.77 -1.94 -12.86
C ARG D 140 -12.69 -2.89 -13.66
N VAL D 141 -12.47 -4.19 -13.56
CA VAL D 141 -13.33 -5.08 -14.32
C VAL D 141 -14.09 -6.06 -13.47
N ALA D 142 -15.41 -6.13 -13.71
CA ALA D 142 -16.32 -7.00 -13.01
C ALA D 142 -15.76 -7.25 -11.61
N THR D 143 -14.92 -8.26 -11.45
CA THR D 143 -14.29 -8.55 -10.17
C THR D 143 -13.29 -7.44 -9.87
N SER D 147 -9.78 -14.60 -9.59
CA SER D 147 -10.29 -15.86 -9.07
C SER D 147 -9.35 -16.35 -7.99
N LEU D 148 -9.75 -17.40 -7.28
CA LEU D 148 -8.96 -17.93 -6.20
C LEU D 148 -8.57 -19.36 -6.51
N LYS D 149 -7.69 -19.55 -7.50
CA LYS D 149 -7.24 -20.87 -7.92
C LYS D 149 -5.88 -20.79 -8.54
N THR D 150 -4.95 -21.66 -8.12
CA THR D 150 -3.58 -21.65 -8.65
C THR D 150 -3.37 -22.24 -10.04
N TYR D 151 -2.94 -21.40 -10.97
CA TYR D 151 -2.70 -21.84 -12.34
C TYR D 151 -1.25 -22.29 -12.55
N ASN D 152 -1.09 -23.36 -13.34
CA ASN D 152 0.21 -23.94 -13.65
C ASN D 152 0.97 -23.20 -14.76
N ILE D 153 2.28 -23.40 -14.82
CA ILE D 153 3.14 -22.73 -15.81
C ILE D 153 2.62 -22.70 -17.25
N ASN D 154 1.95 -23.77 -17.65
CA ASN D 154 1.38 -23.93 -18.99
C ASN D 154 -0.09 -23.45 -19.12
N GLU D 155 -0.55 -22.60 -18.19
CA GLU D 155 -1.92 -22.08 -18.19
C GLU D 155 -2.08 -20.57 -18.14
N LEU D 156 -1.04 -19.83 -18.50
CA LEU D 156 -1.10 -18.36 -18.48
C LEU D 156 -2.34 -17.68 -19.08
N ASN D 157 -2.87 -18.19 -20.18
CA ASN D 157 -4.00 -17.52 -20.83
C ASN D 157 -5.35 -17.51 -20.14
N GLU D 158 -5.62 -18.53 -19.34
CA GLU D 158 -6.90 -18.64 -18.64
C GLU D 158 -7.01 -17.65 -17.46
N ILE D 159 -5.85 -17.27 -16.95
CA ILE D 159 -5.76 -16.36 -15.82
C ILE D 159 -6.46 -15.02 -16.11
N PRO D 160 -7.53 -14.73 -15.38
CA PRO D 160 -8.21 -13.46 -15.64
C PRO D 160 -7.52 -12.34 -14.86
N LYS D 161 -7.48 -11.14 -15.45
CA LYS D 161 -6.91 -9.94 -14.84
C LYS D 161 -8.06 -9.04 -14.35
N PRO D 162 -7.83 -8.28 -13.28
CA PRO D 162 -8.90 -7.41 -12.78
C PRO D 162 -8.77 -5.95 -13.18
N TYR D 163 -8.20 -5.68 -14.35
CA TYR D 163 -8.00 -4.33 -14.89
C TYR D 163 -8.18 -4.43 -16.40
N LYS D 164 -8.81 -3.46 -17.04
CA LYS D 164 -9.04 -3.55 -18.50
C LYS D 164 -8.76 -2.34 -19.38
N GLY D 165 -7.64 -1.65 -19.17
CA GLY D 165 -7.39 -0.51 -20.04
C GLY D 165 -6.34 0.39 -19.47
N VAL D 166 -5.15 -0.16 -19.27
CA VAL D 166 -4.05 0.59 -18.69
C VAL D 166 -3.64 1.74 -19.58
N LYS D 167 -3.41 2.90 -18.97
CA LYS D 167 -2.98 4.09 -19.67
C LYS D 167 -1.92 4.76 -18.81
N VAL D 168 -0.73 4.93 -19.37
CA VAL D 168 0.36 5.51 -18.63
C VAL D 168 0.72 6.83 -19.27
N PHE D 169 1.40 7.72 -18.52
CA PHE D 169 1.84 9.01 -19.02
C PHE D 169 2.96 9.42 -18.13
N LEU D 170 3.82 10.32 -18.59
CA LEU D 170 4.93 10.80 -17.77
C LEU D 170 4.75 12.28 -17.87
N GLN D 171 4.76 12.99 -16.73
CA GLN D 171 4.57 14.42 -16.71
C GLN D 171 5.22 14.98 -15.47
N ASP D 172 5.43 16.28 -15.46
CA ASP D 172 6.05 16.93 -14.30
C ASP D 172 5.10 17.15 -13.14
N LYS D 173 5.55 16.77 -11.94
CA LYS D 173 4.74 16.92 -10.74
C LYS D 173 4.10 18.33 -10.68
N TRP D 174 4.93 19.35 -10.74
CA TRP D 174 4.40 20.70 -10.66
C TRP D 174 3.40 21.07 -11.72
N VAL D 175 3.59 20.56 -12.92
CA VAL D 175 2.69 20.94 -14.00
C VAL D 175 1.30 20.43 -13.77
N ILE D 176 1.18 19.25 -13.16
CA ILE D 176 -0.11 18.63 -12.94
C ILE D 176 -0.71 18.73 -11.54
N ALA D 177 -0.02 19.41 -10.63
CA ALA D 177 -0.52 19.57 -9.26
C ALA D 177 -1.68 20.55 -9.23
N GLY D 178 -2.57 20.40 -8.27
CA GLY D 178 -3.70 21.28 -8.18
C GLY D 178 -3.64 22.07 -6.89
N ASP D 179 -4.68 22.88 -6.66
CA ASP D 179 -4.80 23.72 -5.48
C ASP D 179 -5.59 23.09 -4.35
N LEU D 180 -5.91 21.81 -4.46
CA LEU D 180 -6.68 21.12 -3.42
C LEU D 180 -5.96 19.91 -2.86
N ALA D 181 -6.35 19.51 -1.67
CA ALA D 181 -5.75 18.36 -1.02
C ALA D 181 -6.14 17.04 -1.68
N GLY D 182 -5.25 16.06 -1.57
CA GLY D 182 -5.53 14.75 -2.10
C GLY D 182 -5.94 13.83 -0.97
N SER D 183 -5.50 14.17 0.23
CA SER D 183 -5.86 13.42 1.40
C SER D 183 -5.85 14.39 2.57
N GLY D 184 -6.55 14.03 3.65
CA GLY D 184 -6.63 14.87 4.83
C GLY D 184 -5.68 14.52 5.94
N ASN D 185 -5.88 13.37 6.58
CA ASN D 185 -5.02 12.98 7.68
C ASN D 185 -3.63 12.64 7.22
N THR D 186 -3.46 12.33 5.93
CA THR D 186 -2.15 12.01 5.36
C THR D 186 -1.61 13.19 4.53
N THR D 187 -2.12 14.38 4.79
CA THR D 187 -1.70 15.59 4.09
C THR D 187 -1.02 15.43 2.73
N ASN D 188 -1.81 15.12 1.70
CA ASN D 188 -1.26 14.96 0.37
C ASN D 188 -1.69 16.06 -0.57
N ILE D 189 -0.82 16.32 -1.55
CA ILE D 189 -1.00 17.31 -2.61
C ILE D 189 -1.94 16.68 -3.61
N GLY D 190 -2.91 17.44 -4.08
CA GLY D 190 -3.83 16.85 -5.02
C GLY D 190 -3.47 17.26 -6.42
N SER D 191 -3.74 16.40 -7.40
CA SER D 191 -3.42 16.74 -8.76
C SER D 191 -4.64 17.43 -9.36
N ILE D 192 -4.60 17.68 -10.67
CA ILE D 192 -5.74 18.32 -11.29
C ILE D 192 -6.69 17.16 -11.50
N HIS D 193 -7.97 17.47 -11.51
CA HIS D 193 -9.02 16.49 -11.71
C HIS D 193 -9.36 16.75 -13.16
N ALA D 194 -8.82 15.94 -14.06
CA ALA D 194 -9.06 16.17 -15.46
C ALA D 194 -9.01 14.93 -16.31
N HIS D 195 -9.42 15.05 -17.55
CA HIS D 195 -9.43 13.92 -18.44
C HIS D 195 -7.96 13.59 -18.74
N TYR D 196 -7.65 12.31 -18.83
CA TYR D 196 -6.30 11.83 -19.11
C TYR D 196 -5.42 12.71 -19.98
N LYS D 197 -5.82 12.96 -21.22
CA LYS D 197 -5.04 13.75 -22.16
C LYS D 197 -4.52 15.06 -21.62
N ASP D 198 -5.18 15.58 -20.60
CA ASP D 198 -4.76 16.84 -19.99
C ASP D 198 -3.53 16.68 -19.16
N PHE D 199 -3.35 15.50 -18.57
CA PHE D 199 -2.15 15.23 -17.79
C PHE D 199 -0.95 15.13 -18.75
N VAL D 200 -1.23 14.61 -19.94
CA VAL D 200 -0.21 14.47 -20.97
C VAL D 200 0.12 15.82 -21.59
N GLU D 201 -0.91 16.61 -21.88
CA GLU D 201 -0.73 17.90 -22.50
C GLU D 201 -0.29 18.93 -21.48
N GLY D 202 -0.10 18.53 -20.22
CA GLY D 202 0.34 19.49 -19.21
C GLY D 202 -0.56 20.68 -19.00
N LYS D 203 -1.87 20.44 -19.08
CA LYS D 203 -2.85 21.49 -18.90
C LYS D 203 -3.15 21.73 -17.41
N GLY D 204 -2.13 22.18 -16.68
CA GLY D 204 -2.28 22.40 -15.25
C GLY D 204 -2.77 23.79 -14.89
N ILE D 205 -2.62 24.16 -13.63
CA ILE D 205 -3.06 25.48 -13.20
C ILE D 205 -1.97 26.40 -12.67
N PHE D 206 -0.86 25.83 -12.20
CA PHE D 206 0.25 26.62 -11.68
C PHE D 206 1.09 27.20 -12.83
N ASP D 207 1.46 28.46 -12.73
CA ASP D 207 2.26 29.11 -13.78
C ASP D 207 3.73 28.68 -13.87
N SER D 208 4.31 28.29 -12.74
CA SER D 208 5.68 27.83 -12.71
C SER D 208 5.90 26.87 -11.54
N GLU D 209 6.97 26.08 -11.58
CA GLU D 209 7.24 25.17 -10.48
C GLU D 209 7.49 26.05 -9.25
N ASP D 210 7.86 27.29 -9.50
CA ASP D 210 8.13 28.26 -8.45
C ASP D 210 6.82 28.57 -7.71
N GLU D 211 5.72 28.73 -8.45
CA GLU D 211 4.40 29.01 -7.89
C GLU D 211 3.82 27.76 -7.22
N PHE D 212 4.10 26.59 -7.78
CA PHE D 212 3.63 25.34 -7.22
C PHE D 212 4.17 25.13 -5.80
N LEU D 213 5.48 25.15 -5.68
CA LEU D 213 6.17 24.96 -4.40
C LEU D 213 5.72 25.90 -3.29
N ASP D 214 5.54 27.17 -3.60
CA ASP D 214 5.11 28.16 -2.61
C ASP D 214 3.64 28.03 -2.18
N TYR D 215 2.80 27.53 -3.08
CA TYR D 215 1.40 27.35 -2.74
C TYR D 215 1.37 26.28 -1.67
N TRP D 216 2.02 25.16 -1.95
CA TRP D 216 2.04 24.05 -1.05
C TRP D 216 2.89 24.16 0.19
N ARG D 217 3.68 25.21 0.31
CA ARG D 217 4.49 25.39 1.51
C ARG D 217 3.75 26.27 2.50
N ASN D 218 2.67 26.92 2.05
CA ASN D 218 1.86 27.79 2.91
C ASN D 218 0.40 27.30 3.11
N TYR D 219 0.06 26.17 2.49
CA TYR D 219 -1.28 25.60 2.62
C TYR D 219 -1.49 25.16 4.07
N GLU D 220 -2.44 25.77 4.76
CA GLU D 220 -2.73 25.41 6.13
C GLU D 220 -3.53 24.12 6.13
N ARG D 221 -3.17 23.17 7.01
CA ARG D 221 -3.83 21.86 7.10
C ARG D 221 -5.35 21.75 7.23
N THR D 222 -6.02 22.85 7.60
CA THR D 222 -7.46 22.84 7.81
C THR D 222 -8.21 24.09 7.35
N SER D 223 -9.30 23.88 6.61
CA SER D 223 -10.14 24.96 6.06
C SER D 223 -10.33 26.15 7.01
N GLN D 224 -10.39 25.87 8.30
CA GLN D 224 -10.55 26.90 9.32
C GLN D 224 -9.36 27.88 9.36
N LEU D 225 -8.16 27.32 9.44
CA LEU D 225 -6.96 28.14 9.49
C LEU D 225 -6.67 28.67 8.10
N ARG D 226 -7.34 28.10 7.10
CA ARG D 226 -7.15 28.52 5.72
C ARG D 226 -7.96 29.72 5.23
N ASN D 227 -9.26 29.73 5.49
CA ASN D 227 -10.12 30.84 5.03
C ASN D 227 -9.55 32.27 5.15
N ASP D 228 -8.89 32.56 6.25
CA ASP D 228 -8.34 33.89 6.38
C ASP D 228 -7.11 34.00 5.49
N LYS D 229 -6.52 32.85 5.15
CA LYS D 229 -5.33 32.79 4.32
C LYS D 229 -5.66 32.57 2.84
N TYR D 230 -5.89 31.32 2.44
CA TYR D 230 -6.22 31.05 1.04
C TYR D 230 -6.62 29.61 0.81
N ASN D 231 -7.66 29.38 0.02
CA ASN D 231 -8.12 28.01 -0.24
C ASN D 231 -7.99 27.48 -1.67
N ASN D 232 -7.45 28.29 -2.57
CA ASN D 232 -7.29 27.85 -3.95
C ASN D 232 -6.31 28.70 -4.66
N ILE D 233 -6.20 28.50 -5.98
CA ILE D 233 -5.24 29.24 -6.79
C ILE D 233 -5.55 30.74 -6.90
N SER D 234 -6.82 31.09 -7.12
CA SER D 234 -7.27 32.49 -7.23
C SER D 234 -7.08 33.24 -5.92
N GLU D 235 -7.40 32.58 -4.82
CA GLU D 235 -7.23 33.17 -3.51
C GLU D 235 -5.74 33.29 -3.21
N TYR D 236 -4.93 32.30 -3.61
CA TYR D 236 -3.49 32.34 -3.39
C TYR D 236 -2.94 33.56 -4.11
N ARG D 237 -3.32 33.71 -5.37
CA ARG D 237 -2.87 34.81 -6.21
C ARG D 237 -3.34 36.18 -5.75
N ASN D 238 -4.45 36.25 -5.05
CA ASN D 238 -4.91 37.53 -4.53
C ASN D 238 -4.05 37.79 -3.29
N TRP D 239 -3.80 36.77 -2.50
CA TRP D 239 -3.01 36.87 -1.28
C TRP D 239 -1.63 37.42 -1.61
N ILE D 240 -1.03 36.84 -2.64
CA ILE D 240 0.28 37.27 -3.17
C ILE D 240 0.16 38.74 -3.56
N TYR D 241 -0.84 39.03 -4.41
CA TYR D 241 -1.14 40.39 -4.87
C TYR D 241 -1.32 41.36 -3.70
N ARG D 242 -2.09 40.94 -2.68
CA ARG D 242 -2.35 41.74 -1.47
C ARG D 242 -1.11 41.89 -0.59
N GLY D 243 -0.01 41.28 -1.01
CA GLY D 243 1.25 41.37 -0.28
C GLY D 243 1.54 40.19 0.63
N ARG D 244 1.21 38.98 0.19
CA ARG D 244 1.42 37.75 0.96
C ARG D 244 0.70 37.89 2.32
N LYS D 245 -0.42 38.61 2.27
CA LYS D 245 -1.25 38.90 3.43
C LYS D 245 -2.58 39.48 2.96
#